data_4ZQ9
#
_entry.id   4ZQ9
#
_cell.length_a   71.097
_cell.length_b   137.255
_cell.length_c   79.249
_cell.angle_alpha   90.00
_cell.angle_beta   111.72
_cell.angle_gamma   90.00
#
_symmetry.space_group_name_H-M   'P 1 21 1'
#
loop_
_entity.id
_entity.type
_entity.pdbx_description
1 polymer 'Protein Rep68'
2 polymer "DNA (5'-D(*GP*CP*GP*CP*TP*CP*GP*CP*TP*CP*GP*CP*TP*CP*GP*CP*TP*GP*GP*GP*C)-3')"
3 polymer "DNA (5'-D(*CP*GP*CP*CP*CP*AP*GP*CP*GP*AP*GP*CP*GP*AP*GP*CP*GP*AP*GP*CP*G)-3')"
4 non-polymer 'MANGANESE (II) ION'
5 water water
#
loop_
_entity_poly.entity_id
_entity_poly.type
_entity_poly.pdbx_seq_one_letter_code
_entity_poly.pdbx_strand_id
1 'polypeptide(L)'
;GSHMPGFYEIVIKVPSDLDEHLPGISDSFVNWVAEKEWELPPDSDMDLNLIEQAPLTVAEKLQRDFLTEWRRVSKAPEAL
FFVQFEKGESYFHMHVLVETTGVKSMVLGRFLSQIREKLIQRIYRGIEPTLPNWFAVTKTRNGAGGGNKVVDESYIPNFL
LPKTQPELQWAWTNMEQYLSACLNLTERKRLVAQHLTHVSQTQEQNKENQN
;
A,B,C
2 'polydeoxyribonucleotide'
;(DG)(DC)(DG)(DC)(DT)(DC)(DG)(DC)(DT)(DC)(DG)(DC)(DT)(DC)(DG)(DC)(DT)(DG)(DG)(DG)
(DC)
;
D
3 'polydeoxyribonucleotide'
;(DC)(DG)(DC)(DC)(DC)(DA)(DG)(DC)(DG)(DA)(DG)(DC)(DG)(DA)(DG)(DC)(DG)(DA)(DG)(DC)
(DG)
;
E
#
loop_
_chem_comp.id
_chem_comp.type
_chem_comp.name
_chem_comp.formula
DA DNA linking 2'-DEOXYADENOSINE-5'-MONOPHOSPHATE 'C10 H14 N5 O6 P'
DC DNA linking 2'-DEOXYCYTIDINE-5'-MONOPHOSPHATE 'C9 H14 N3 O7 P'
DG DNA linking 2'-DEOXYGUANOSINE-5'-MONOPHOSPHATE 'C10 H14 N5 O7 P'
DT DNA linking THYMIDINE-5'-MONOPHOSPHATE 'C10 H15 N2 O8 P'
MN non-polymer 'MANGANESE (II) ION' 'Mn 2'
#
# COMPACT_ATOMS: atom_id res chain seq x y z
N PRO A 5 -8.79 16.99 19.54
CA PRO A 5 -7.73 17.66 18.73
C PRO A 5 -6.29 17.40 19.24
N GLY A 6 -5.69 16.25 18.87
CA GLY A 6 -4.36 15.81 19.39
C GLY A 6 -3.15 16.13 18.51
N PHE A 7 -1.96 16.00 19.08
CA PHE A 7 -0.71 16.37 18.37
C PHE A 7 0.33 15.27 18.39
N TYR A 8 1.03 15.10 17.27
CA TYR A 8 2.28 14.32 17.26
C TYR A 8 3.44 15.27 17.56
N GLU A 9 4.52 14.74 18.14
CA GLU A 9 5.72 15.52 18.44
C GLU A 9 6.94 14.96 17.70
N ILE A 10 7.59 15.84 16.96
CA ILE A 10 8.83 15.51 16.28
C ILE A 10 9.91 16.40 16.85
N VAL A 11 11.01 15.79 17.24
CA VAL A 11 12.13 16.53 17.78
C VAL A 11 13.21 16.51 16.72
N ILE A 12 13.64 17.69 16.32
CA ILE A 12 14.66 17.85 15.32
C ILE A 12 15.86 18.55 15.90
N LYS A 13 17.02 17.90 15.88
CA LYS A 13 18.25 18.52 16.37
C LYS A 13 18.91 19.36 15.29
N VAL A 14 19.56 20.43 15.72
CA VAL A 14 20.22 21.41 14.86
C VAL A 14 21.64 21.62 15.36
N PRO A 15 22.63 21.66 14.47
CA PRO A 15 24.00 21.75 14.96
C PRO A 15 24.47 23.17 15.26
N SER A 16 25.62 23.27 15.92
CA SER A 16 26.04 24.50 16.62
C SER A 16 26.93 25.09 15.55
N ASP A 17 27.99 24.36 15.19
CA ASP A 17 28.84 24.73 14.06
C ASP A 17 27.95 24.90 12.78
N ILE A 25 27.86 28.63 13.36
CA ILE A 25 28.35 29.34 12.15
C ILE A 25 29.33 28.40 11.36
N SER A 26 30.46 28.05 12.01
CA SER A 26 31.66 27.68 11.30
C SER A 26 32.60 26.72 12.11
N ASP A 27 33.68 26.26 11.45
CA ASP A 27 33.67 26.15 9.96
C ASP A 27 32.97 24.85 9.39
N SER A 28 31.64 24.73 9.61
CA SER A 28 30.81 23.70 8.90
C SER A 28 30.60 23.99 7.42
N PHE A 29 31.00 25.19 6.98
CA PHE A 29 31.06 25.62 5.57
C PHE A 29 29.71 26.09 4.92
N VAL A 30 28.66 26.13 5.75
CA VAL A 30 27.29 26.53 5.42
C VAL A 30 27.13 27.94 6.03
N ASN A 31 27.43 28.91 5.18
CA ASN A 31 27.76 30.24 5.58
C ASN A 31 26.47 31.10 5.66
N TRP A 32 25.40 30.62 5.01
CA TRP A 32 24.12 31.32 5.00
C TRP A 32 23.42 31.42 6.34
N VAL A 33 23.80 30.62 7.29
CA VAL A 33 23.24 30.77 8.66
C VAL A 33 23.73 32.04 9.31
N ALA A 34 24.88 32.55 8.88
CA ALA A 34 25.41 33.84 9.34
C ALA A 34 24.75 35.05 8.71
N GLU A 35 24.03 34.90 7.60
CA GLU A 35 23.61 36.03 6.78
C GLU A 35 22.21 36.56 7.00
N LYS A 36 21.54 36.10 8.04
CA LYS A 36 20.22 36.66 8.34
C LYS A 36 20.35 37.33 9.67
N GLU A 37 19.91 38.60 9.75
CA GLU A 37 19.78 39.32 11.01
C GLU A 37 18.37 39.17 11.55
N TRP A 38 18.26 38.85 12.85
CA TRP A 38 16.97 38.60 13.51
C TRP A 38 16.59 39.78 14.43
N GLU A 39 15.31 40.13 14.45
CA GLU A 39 14.78 41.14 15.37
C GLU A 39 13.61 40.60 16.15
N LEU A 40 13.54 40.90 17.43
CA LEU A 40 12.35 40.55 18.21
C LEU A 40 11.23 41.48 17.79
N PRO A 41 10.01 40.96 17.62
CA PRO A 41 8.90 41.87 17.38
C PRO A 41 8.64 42.76 18.59
N PRO A 42 7.94 43.89 18.41
CA PRO A 42 7.79 44.91 19.48
C PRO A 42 7.24 44.38 20.81
N ASP A 43 6.23 43.51 20.69
CA ASP A 43 5.52 42.90 21.83
C ASP A 43 6.34 41.85 22.60
N SER A 44 7.53 41.52 22.15
CA SER A 44 8.37 40.59 22.89
C SER A 44 9.12 41.31 23.99
N ASP A 45 9.31 40.63 25.11
CA ASP A 45 10.12 41.10 26.23
C ASP A 45 11.43 40.32 26.39
N MET A 46 11.83 39.58 25.36
CA MET A 46 13.01 38.73 25.44
C MET A 46 14.28 39.53 25.18
N ASP A 47 15.39 38.96 25.60
CA ASP A 47 16.72 39.51 25.45
C ASP A 47 17.39 38.94 24.17
N LEU A 48 17.52 39.78 23.14
CA LEU A 48 18.07 39.36 21.84
C LEU A 48 19.49 38.81 21.95
N ASN A 49 20.25 39.27 22.93
CA ASN A 49 21.61 38.77 23.15
C ASN A 49 21.77 37.34 23.63
N LEU A 50 20.73 36.73 24.15
CA LEU A 50 20.81 35.33 24.53
C LEU A 50 20.29 34.40 23.43
N ILE A 51 19.99 34.95 22.26
CA ILE A 51 19.48 34.22 21.13
C ILE A 51 20.57 34.07 20.12
N GLU A 52 20.89 32.82 19.79
CA GLU A 52 21.96 32.49 18.87
C GLU A 52 21.39 32.39 17.46
N GLN A 53 21.80 33.32 16.61
CA GLN A 53 21.11 33.60 15.36
C GLN A 53 21.42 32.65 14.22
N ALA A 54 22.66 32.20 14.10
CA ALA A 54 23.00 31.18 13.11
C ALA A 54 22.18 29.86 13.29
N PRO A 55 22.15 29.31 14.51
CA PRO A 55 21.31 28.14 14.66
C PRO A 55 19.84 28.46 14.44
N LEU A 56 19.41 29.65 14.85
CA LEU A 56 17.99 30.03 14.71
C LEU A 56 17.64 30.15 13.26
N THR A 57 18.59 30.68 12.50
CA THR A 57 18.41 30.80 11.06
C THR A 57 18.14 29.46 10.40
N VAL A 58 18.89 28.44 10.81
CA VAL A 58 18.67 27.11 10.27
C VAL A 58 17.31 26.57 10.74
N ALA A 59 17.04 26.75 12.03
CA ALA A 59 15.83 26.19 12.66
C ALA A 59 14.58 26.68 11.98
N GLU A 60 14.56 27.97 11.73
CA GLU A 60 13.49 28.59 10.99
C GLU A 60 13.15 27.97 9.62
N LYS A 61 14.18 27.70 8.82
CA LYS A 61 14.02 26.99 7.55
C LYS A 61 13.47 25.55 7.75
N LEU A 62 13.99 24.85 8.74
CA LEU A 62 13.61 23.49 9.00
C LEU A 62 12.17 23.38 9.36
N GLN A 63 11.70 24.25 10.24
CA GLN A 63 10.29 24.18 10.64
C GLN A 63 9.36 24.69 9.55
N ARG A 64 9.77 25.72 8.83
CA ARG A 64 8.99 26.23 7.70
C ARG A 64 8.82 25.11 6.66
N ASP A 65 9.94 24.48 6.28
CA ASP A 65 9.91 23.42 5.28
C ASP A 65 9.18 22.17 5.77
N PHE A 66 9.36 21.81 7.04
CA PHE A 66 8.63 20.71 7.67
C PHE A 66 7.13 20.89 7.55
N LEU A 67 6.65 22.07 7.85
CA LEU A 67 5.21 22.32 7.81
C LEU A 67 4.68 22.47 6.38
N THR A 68 5.44 23.03 5.46
CA THR A 68 5.06 22.96 4.05
C THR A 68 4.83 21.50 3.64
N GLU A 69 5.79 20.63 3.90
CA GLU A 69 5.68 19.21 3.56
C GLU A 69 4.59 18.49 4.32
N TRP A 70 4.44 18.84 5.59
CA TRP A 70 3.41 18.25 6.43
C TRP A 70 2.01 18.51 5.85
N ARG A 71 1.79 19.73 5.40
CA ARG A 71 0.53 20.09 4.76
C ARG A 71 0.26 19.29 3.48
N ARG A 72 1.30 19.04 2.67
CA ARG A 72 1.19 18.26 1.47
C ARG A 72 0.69 16.82 1.79
N VAL A 73 1.33 16.17 2.72
CA VAL A 73 1.00 14.79 3.01
C VAL A 73 -0.28 14.62 3.81
N SER A 74 -0.56 15.54 4.73
CA SER A 74 -1.80 15.50 5.54
C SER A 74 -3.05 15.92 4.79
N LYS A 75 -2.85 16.67 3.71
CA LYS A 75 -3.92 17.37 2.99
C LYS A 75 -4.74 18.32 3.90
N ALA A 76 -4.09 18.84 4.92
CA ALA A 76 -4.69 19.75 5.88
C ALA A 76 -3.82 21.00 5.88
N PRO A 77 -4.06 21.91 4.90
CA PRO A 77 -3.47 23.25 5.10
C PRO A 77 -4.19 23.79 6.33
N GLU A 78 -3.61 24.74 7.03
CA GLU A 78 -4.25 25.24 8.27
C GLU A 78 -4.18 24.27 9.45
N ALA A 79 -3.43 23.20 9.31
CA ALA A 79 -3.17 22.31 10.44
C ALA A 79 -2.57 23.12 11.57
N LEU A 80 -3.02 22.83 12.78
CA LEU A 80 -2.50 23.48 13.97
C LEU A 80 -1.11 23.01 14.31
N PHE A 81 -0.24 23.96 14.69
CA PHE A 81 1.13 23.63 15.12
C PHE A 81 1.67 24.56 16.17
N PHE A 82 2.58 24.03 16.99
CA PHE A 82 3.38 24.83 17.87
C PHE A 82 4.82 24.34 17.74
N VAL A 83 5.75 25.24 17.47
CA VAL A 83 7.18 24.85 17.32
C VAL A 83 8.01 25.67 18.25
N GLN A 84 8.84 25.03 19.05
CA GLN A 84 9.70 25.75 20.02
C GLN A 84 11.14 25.30 19.86
N PHE A 85 12.03 26.26 19.67
CA PHE A 85 13.45 26.00 19.44
C PHE A 85 14.18 26.29 20.73
N GLU A 86 15.03 25.36 21.13
CA GLU A 86 15.65 25.32 22.45
C GLU A 86 17.15 25.07 22.35
N LYS A 87 17.88 25.55 23.35
CA LYS A 87 19.28 25.28 23.49
C LYS A 87 19.37 24.35 24.68
N GLY A 88 19.48 23.05 24.39
CA GLY A 88 19.45 22.05 25.40
C GLY A 88 20.80 21.89 26.08
N GLU A 89 20.79 20.98 27.05
CA GLU A 89 21.99 20.55 27.77
C GLU A 89 23.06 19.91 26.83
N SER A 90 22.61 19.26 25.76
CA SER A 90 23.45 18.53 24.81
C SER A 90 23.51 19.08 23.36
N TYR A 91 22.36 19.45 22.80
CA TYR A 91 22.23 19.98 21.40
C TYR A 91 21.21 21.13 21.30
N PHE A 92 21.24 21.98 20.26
CA PHE A 92 20.08 22.79 19.97
C PHE A 92 19.02 21.82 19.43
N HIS A 93 17.75 21.99 19.80
CA HIS A 93 16.69 21.18 19.23
C HIS A 93 15.37 21.88 19.16
N MET A 94 14.57 21.53 18.17
CA MET A 94 13.20 22.05 18.11
C MET A 94 12.19 20.97 18.38
N HIS A 95 11.26 21.28 19.28
CA HIS A 95 10.06 20.47 19.48
C HIS A 95 8.99 20.91 18.46
N VAL A 96 8.64 20.05 17.51
CA VAL A 96 7.57 20.33 16.57
C VAL A 96 6.30 19.61 17.01
N LEU A 97 5.25 20.36 17.36
CA LEU A 97 3.92 19.77 17.60
C LEU A 97 3.00 20.05 16.44
N VAL A 98 2.44 18.99 15.88
CA VAL A 98 1.65 19.11 14.70
C VAL A 98 0.38 18.27 14.87
N GLU A 99 -0.74 18.85 14.48
CA GLU A 99 -2.05 18.21 14.67
C GLU A 99 -2.13 16.90 13.88
N THR A 100 -2.72 15.87 14.47
CA THR A 100 -2.78 14.55 13.81
C THR A 100 -3.66 14.47 12.53
N THR A 101 -4.55 15.45 12.34
CA THR A 101 -5.51 15.41 11.26
C THR A 101 -4.89 15.04 9.89
N GLY A 102 -5.49 14.05 9.23
CA GLY A 102 -5.04 13.63 7.92
C GLY A 102 -3.94 12.58 7.87
N VAL A 103 -3.39 12.19 9.04
CA VAL A 103 -2.25 11.30 9.12
C VAL A 103 -2.49 10.34 10.25
N LYS A 104 -2.99 9.16 9.87
CA LYS A 104 -3.17 8.08 10.78
C LYS A 104 -1.80 7.69 11.34
N SER A 105 -1.77 7.28 12.62
CA SER A 105 -0.56 6.78 13.23
C SER A 105 0.17 5.67 12.43
N MET A 106 -0.57 4.74 11.82
CA MET A 106 0.05 3.65 11.04
C MET A 106 0.99 4.12 9.93
N VAL A 107 0.74 5.32 9.47
CA VAL A 107 1.30 5.85 8.26
C VAL A 107 2.27 7.03 8.52
N LEU A 108 2.44 7.40 9.78
CA LEU A 108 3.24 8.60 10.10
C LEU A 108 4.70 8.41 9.67
N GLY A 109 5.27 7.26 9.98
CA GLY A 109 6.63 6.95 9.62
C GLY A 109 6.98 7.11 8.15
N ARG A 110 6.12 6.60 7.27
CA ARG A 110 6.43 6.62 5.84
C ARG A 110 6.41 8.06 5.40
N PHE A 111 5.47 8.84 5.96
CA PHE A 111 5.45 10.28 5.66
C PHE A 111 6.63 11.10 6.25
N LEU A 112 6.98 10.83 7.49
CA LEU A 112 8.06 11.56 8.12
C LEU A 112 9.39 11.28 7.42
N SER A 113 9.59 10.10 6.85
CA SER A 113 10.83 9.90 6.08
C SER A 113 10.89 10.71 4.84
N GLN A 114 9.75 10.88 4.18
CA GLN A 114 9.70 11.72 3.00
C GLN A 114 10.09 13.13 3.42
N ILE A 115 9.56 13.58 4.56
CA ILE A 115 9.83 14.94 5.01
C ILE A 115 11.30 15.03 5.40
N ARG A 116 11.81 14.03 6.10
CA ARG A 116 13.20 14.00 6.48
C ARG A 116 14.13 14.09 5.28
N GLU A 117 13.84 13.31 4.26
CA GLU A 117 14.64 13.35 3.05
C GLU A 117 14.56 14.70 2.34
N LYS A 118 13.37 15.28 2.31
CA LYS A 118 13.17 16.63 1.75
C LYS A 118 14.05 17.68 2.47
N LEU A 119 14.11 17.63 3.79
CA LEU A 119 14.89 18.57 4.56
C LEU A 119 16.35 18.45 4.28
N ILE A 120 16.83 17.22 4.21
CA ILE A 120 18.22 16.98 3.91
C ILE A 120 18.60 17.52 2.53
N GLN A 121 17.76 17.27 1.53
CA GLN A 121 17.97 17.76 0.14
C GLN A 121 18.01 19.27 0.12
N ARG A 122 16.96 19.87 0.64
CA ARG A 122 16.80 21.32 0.60
C ARG A 122 17.68 22.18 1.60
N ILE A 123 17.71 21.89 2.90
CA ILE A 123 18.54 22.62 3.86
C ILE A 123 20.00 22.14 3.84
N TYR A 124 20.24 20.83 3.85
CA TYR A 124 21.62 20.30 4.02
C TYR A 124 22.35 19.91 2.71
N ARG A 125 21.77 20.29 1.57
CA ARG A 125 22.33 20.06 0.24
C ARG A 125 22.61 18.58 0.01
N GLY A 126 21.76 17.71 0.50
CA GLY A 126 21.93 16.27 0.29
C GLY A 126 22.83 15.51 1.25
N ILE A 127 23.43 16.19 2.23
CA ILE A 127 24.41 15.62 3.15
C ILE A 127 23.75 15.41 4.51
N GLU A 128 23.48 14.16 4.88
CA GLU A 128 22.73 13.88 6.12
C GLU A 128 23.52 14.43 7.29
N PRO A 129 22.83 15.03 8.26
CA PRO A 129 23.59 15.48 9.43
C PRO A 129 24.12 14.30 10.24
N THR A 130 25.27 14.52 10.86
CA THR A 130 25.96 13.50 11.65
C THR A 130 25.49 13.45 13.12
N LEU A 131 24.76 14.47 13.58
CA LEU A 131 24.12 14.43 14.88
C LEU A 131 23.34 13.12 15.06
N PRO A 132 23.62 12.41 16.17
CA PRO A 132 22.96 11.14 16.45
C PRO A 132 21.46 11.43 16.54
N ASN A 133 20.62 10.63 15.95
CA ASN A 133 19.18 10.74 16.16
C ASN A 133 18.46 12.11 15.92
N TRP A 134 18.87 12.79 14.88
CA TRP A 134 18.54 14.17 14.66
C TRP A 134 17.11 14.46 14.31
N PHE A 135 16.34 13.44 13.95
CA PHE A 135 14.94 13.65 13.48
C PHE A 135 14.13 12.50 14.03
N ALA A 136 13.42 12.71 15.11
CA ALA A 136 12.88 11.63 15.94
C ALA A 136 11.48 11.98 16.43
N VAL A 137 10.54 11.14 16.03
CA VAL A 137 9.19 11.22 16.55
C VAL A 137 9.15 10.67 17.99
N THR A 138 8.28 11.24 18.81
CA THR A 138 8.11 10.83 20.19
C THR A 138 7.19 9.64 20.23
N LYS A 139 7.66 8.61 20.90
CA LYS A 139 6.93 7.37 21.07
C LYS A 139 6.36 7.26 22.48
N THR A 140 5.54 6.25 22.68
CA THR A 140 4.98 5.97 23.99
C THR A 140 5.92 5.20 24.89
N ARG A 141 7.08 4.82 24.38
CA ARG A 141 8.13 4.15 25.18
C ARG A 141 9.50 4.68 24.86
N ASN A 142 10.43 4.50 25.78
CA ASN A 142 11.83 4.86 25.50
C ASN A 142 12.52 3.89 24.58
N GLY A 143 12.06 2.65 24.57
CA GLY A 143 12.65 1.61 23.75
C GLY A 143 11.81 1.38 22.51
N ALA A 144 12.23 0.40 21.73
CA ALA A 144 11.52 -0.07 20.55
C ALA A 144 10.15 -0.68 20.87
N GLY A 145 9.22 -0.58 19.94
CA GLY A 145 7.96 -1.32 19.99
C GLY A 145 6.73 -0.63 20.57
N GLY A 146 6.86 0.67 20.85
CA GLY A 146 5.75 1.49 21.29
C GLY A 146 5.03 2.12 20.13
N GLY A 147 4.06 2.97 20.45
CA GLY A 147 3.24 3.65 19.46
C GLY A 147 3.71 5.07 19.33
N ASN A 148 3.33 5.69 18.22
CA ASN A 148 3.54 7.12 18.06
C ASN A 148 2.68 7.84 19.10
N LYS A 149 3.31 8.72 19.88
CA LYS A 149 2.58 9.41 20.96
C LYS A 149 1.66 10.49 20.43
N VAL A 150 0.46 10.56 21.00
CA VAL A 150 -0.44 11.68 20.77
C VAL A 150 -0.60 12.43 22.07
N VAL A 151 -0.26 13.71 22.07
CA VAL A 151 -0.40 14.55 23.25
C VAL A 151 -1.50 15.52 22.92
N ASP A 152 -2.21 15.99 23.92
CA ASP A 152 -3.21 17.04 23.65
C ASP A 152 -2.54 18.37 23.94
N GLU A 153 -3.31 19.41 23.72
CA GLU A 153 -2.85 20.79 23.79
C GLU A 153 -2.14 21.15 25.09
N SER A 154 -2.54 20.54 26.20
CA SER A 154 -1.96 20.88 27.49
C SER A 154 -0.44 20.64 27.62
N TYR A 155 0.15 19.86 26.71
CA TYR A 155 1.59 19.71 26.64
C TYR A 155 2.28 21.07 26.53
N ILE A 156 1.68 22.00 25.80
CA ILE A 156 2.31 23.29 25.57
C ILE A 156 2.50 24.07 26.90
N PRO A 157 1.42 24.32 27.64
CA PRO A 157 1.61 24.94 28.97
C PRO A 157 2.43 24.14 29.97
N ASN A 158 2.27 22.83 30.04
CA ASN A 158 2.98 22.01 30.99
C ASN A 158 4.46 21.91 30.74
N PHE A 159 4.85 21.74 29.48
CA PHE A 159 6.25 21.42 29.17
C PHE A 159 6.95 22.48 28.32
N LEU A 160 6.26 23.18 27.43
CA LEU A 160 6.95 24.14 26.56
C LEU A 160 6.99 25.55 27.09
N LEU A 161 5.83 26.05 27.50
CA LEU A 161 5.74 27.46 27.92
C LEU A 161 6.63 27.86 29.10
N PRO A 162 6.87 26.98 30.10
CA PRO A 162 7.74 27.35 31.22
C PRO A 162 9.17 27.64 30.90
N LYS A 163 9.67 27.17 29.75
CA LYS A 163 11.09 27.39 29.42
C LYS A 163 11.41 28.88 29.35
N THR A 164 12.59 29.24 29.86
CA THR A 164 13.03 30.63 29.93
C THR A 164 14.39 30.71 29.24
N GLN A 165 14.89 31.92 29.05
CA GLN A 165 16.20 32.11 28.41
C GLN A 165 17.34 31.69 29.35
N PRO A 166 18.42 31.09 28.82
CA PRO A 166 18.69 30.90 27.38
C PRO A 166 18.24 29.57 26.79
N GLU A 167 17.58 28.71 27.58
CA GLU A 167 17.05 27.46 27.03
C GLU A 167 16.06 27.79 25.90
N LEU A 168 15.10 28.67 26.17
CA LEU A 168 14.21 29.17 25.12
C LEU A 168 14.98 30.06 24.18
N GLN A 169 14.88 29.73 22.89
CA GLN A 169 15.45 30.53 21.81
C GLN A 169 14.40 31.27 20.95
N TRP A 170 13.37 30.54 20.55
CA TRP A 170 12.34 31.09 19.69
C TRP A 170 11.15 30.12 19.63
N ALA A 171 10.01 30.64 19.21
CA ALA A 171 8.85 29.80 18.94
C ALA A 171 7.98 30.32 17.80
N TRP A 172 7.17 29.42 17.25
CA TRP A 172 6.23 29.73 16.20
C TRP A 172 4.91 28.96 16.41
N THR A 173 3.79 29.59 16.11
CA THR A 173 2.49 28.91 16.19
C THR A 173 1.45 29.57 15.31
N ASN A 174 0.46 28.80 14.93
CA ASN A 174 -0.72 29.38 14.29
C ASN A 174 -1.94 29.17 15.22
N MET A 175 -1.70 28.87 16.49
CA MET A 175 -2.77 28.72 17.48
C MET A 175 -3.00 30.08 18.15
N GLU A 176 -4.24 30.59 18.08
CA GLU A 176 -4.55 31.96 18.53
C GLU A 176 -4.18 32.25 19.98
N GLN A 177 -4.58 31.35 20.87
CA GLN A 177 -4.27 31.47 22.29
C GLN A 177 -2.76 31.53 22.63
N TYR A 178 -1.89 31.02 21.75
CA TYR A 178 -0.47 31.06 22.01
C TYR A 178 0.33 32.03 21.13
N LEU A 179 -0.30 32.82 20.26
CA LEU A 179 0.47 33.76 19.43
C LEU A 179 1.34 34.70 20.28
N SER A 180 0.69 35.37 21.24
CA SER A 180 1.37 36.26 22.19
C SER A 180 2.45 35.58 23.03
N ALA A 181 2.23 34.32 23.38
CA ALA A 181 3.14 33.60 24.25
C ALA A 181 4.49 33.21 23.63
N CYS A 182 4.54 33.07 22.31
CA CYS A 182 5.74 32.60 21.64
C CYS A 182 6.98 33.29 22.12
N LEU A 183 6.95 34.62 22.09
CA LEU A 183 8.14 35.44 22.38
C LEU A 183 7.96 36.36 23.56
N ASN A 184 7.04 36.00 24.45
CA ASN A 184 6.77 36.79 25.63
C ASN A 184 6.78 35.97 26.92
N LEU A 185 7.80 36.22 27.73
CA LEU A 185 8.02 35.54 28.99
C LEU A 185 6.90 35.77 29.99
N THR A 186 6.44 37.02 30.09
CA THR A 186 5.33 37.39 30.97
C THR A 186 4.04 36.70 30.57
N GLU A 187 3.76 36.65 29.28
CA GLU A 187 2.57 35.97 28.77
C GLU A 187 2.69 34.45 28.95
N ARG A 188 3.90 33.91 28.81
CA ARG A 188 4.16 32.50 29.12
C ARG A 188 3.85 32.23 30.58
N LYS A 189 4.49 33.00 31.46
CA LYS A 189 4.23 32.93 32.91
C LYS A 189 2.73 32.97 33.27
N ARG A 190 1.96 33.78 32.54
CA ARG A 190 0.53 33.95 32.78
C ARG A 190 -0.26 32.71 32.41
N LEU A 191 -0.07 32.20 31.19
CA LEU A 191 -0.77 30.99 30.72
C LEU A 191 -0.41 29.74 31.51
N VAL A 192 0.82 29.67 32.03
CA VAL A 192 1.25 28.58 32.90
C VAL A 192 0.47 28.61 34.20
N ALA A 193 0.43 29.76 34.86
CA ALA A 193 -0.33 29.93 36.12
C ALA A 193 -1.86 29.78 35.91
N GLN A 194 -2.37 30.30 34.79
CA GLN A 194 -3.81 30.14 34.41
C GLN A 194 -4.18 28.69 34.12
N HIS A 195 -3.23 27.91 33.60
CA HIS A 195 -3.44 26.48 33.36
C HIS A 195 -3.50 25.64 34.66
N LEU A 196 -2.78 26.06 35.71
CA LEU A 196 -2.53 25.20 36.88
C LEU A 196 -3.66 25.14 37.99
N PRO B 5 -21.67 -16.28 -11.12
CA PRO B 5 -22.36 -15.04 -11.59
C PRO B 5 -22.11 -13.80 -10.70
N GLY B 6 -20.97 -13.11 -10.91
CA GLY B 6 -20.53 -11.98 -10.07
C GLY B 6 -20.87 -10.58 -10.56
N PHE B 7 -20.75 -9.58 -9.69
CA PHE B 7 -21.15 -8.18 -9.99
C PHE B 7 -20.07 -7.17 -9.68
N TYR B 8 -19.91 -6.19 -10.55
CA TYR B 8 -19.14 -5.00 -10.24
C TYR B 8 -20.09 -3.98 -9.61
N GLU B 9 -19.57 -3.09 -8.77
CA GLU B 9 -20.37 -2.05 -8.12
C GLU B 9 -19.83 -0.69 -8.52
N ILE B 10 -20.73 0.14 -8.98
CA ILE B 10 -20.44 1.53 -9.25
C ILE B 10 -21.35 2.37 -8.35
N VAL B 11 -20.76 3.30 -7.63
CA VAL B 11 -21.51 4.22 -6.81
C VAL B 11 -21.53 5.60 -7.49
N ILE B 12 -22.74 6.12 -7.74
CA ILE B 12 -22.92 7.37 -8.44
C ILE B 12 -23.65 8.34 -7.55
N LYS B 13 -23.02 9.48 -7.24
CA LYS B 13 -23.67 10.51 -6.43
C LYS B 13 -24.52 11.44 -7.28
N VAL B 14 -25.61 11.89 -6.68
CA VAL B 14 -26.62 12.73 -7.33
C VAL B 14 -26.88 13.94 -6.45
N PRO B 15 -26.97 15.14 -7.03
CA PRO B 15 -27.11 16.33 -6.16
C PRO B 15 -28.58 16.75 -5.96
N SER B 16 -28.79 17.93 -5.35
CA SER B 16 -30.07 18.75 -5.45
C SER B 16 -29.95 20.24 -5.99
N ASP B 17 -29.77 20.38 -7.32
CA ASP B 17 -29.65 21.69 -8.06
C ASP B 17 -29.70 21.57 -9.65
N LEU B 18 -28.59 21.11 -10.23
CA LEU B 18 -28.39 20.84 -11.69
C LEU B 18 -28.37 22.08 -12.64
N ASP B 19 -27.49 22.02 -13.66
CA ASP B 19 -27.32 23.01 -14.76
C ASP B 19 -28.29 24.22 -14.77
N GLY B 24 -30.12 25.91 -17.75
CA GLY B 24 -30.45 24.50 -17.98
C GLY B 24 -31.75 24.05 -17.29
N ILE B 25 -31.64 23.72 -16.00
CA ILE B 25 -32.75 23.41 -15.08
C ILE B 25 -33.02 24.56 -14.12
N SER B 26 -34.30 24.81 -13.88
CA SER B 26 -34.83 25.87 -12.98
C SER B 26 -36.32 25.74 -12.78
N ASP B 27 -36.82 26.14 -11.63
CA ASP B 27 -38.25 25.99 -11.30
C ASP B 27 -39.16 26.99 -12.02
N SER B 28 -38.59 28.07 -12.56
CA SER B 28 -39.39 29.08 -13.30
C SER B 28 -39.80 28.65 -14.73
N PHE B 29 -39.25 27.55 -15.23
CA PHE B 29 -39.64 27.01 -16.53
C PHE B 29 -39.64 25.49 -16.69
N VAL B 30 -40.05 25.02 -17.88
CA VAL B 30 -40.33 23.63 -18.11
C VAL B 30 -39.02 22.96 -18.38
N ASN B 31 -38.77 21.91 -17.64
CA ASN B 31 -37.56 21.16 -17.84
C ASN B 31 -37.85 19.69 -17.54
N TRP B 32 -36.97 18.83 -18.04
CA TRP B 32 -37.16 17.38 -17.92
C TRP B 32 -37.12 16.82 -16.51
N VAL B 33 -36.41 17.49 -15.62
CA VAL B 33 -36.25 17.04 -14.26
C VAL B 33 -37.51 17.27 -13.44
N ALA B 34 -37.99 18.53 -13.45
CA ALA B 34 -39.16 18.93 -12.68
C ALA B 34 -40.48 18.48 -13.23
N GLU B 35 -40.58 18.18 -14.53
CA GLU B 35 -41.86 17.83 -15.10
C GLU B 35 -42.31 16.42 -14.65
N LYS B 36 -41.40 15.55 -14.19
CA LYS B 36 -41.80 14.19 -13.93
C LYS B 36 -42.44 13.99 -12.57
N GLU B 37 -43.67 13.50 -12.60
CA GLU B 37 -44.34 13.00 -11.40
C GLU B 37 -44.19 11.47 -11.31
N TRP B 38 -43.90 11.00 -10.11
CA TRP B 38 -43.62 9.59 -9.84
C TRP B 38 -44.75 8.98 -9.03
N GLU B 39 -45.06 7.73 -9.33
CA GLU B 39 -46.02 7.01 -8.53
C GLU B 39 -45.52 5.65 -8.19
N LEU B 40 -45.84 5.22 -6.98
CA LEU B 40 -45.52 3.87 -6.58
C LEU B 40 -46.48 2.88 -7.27
N PRO B 41 -45.95 1.72 -7.71
CA PRO B 41 -46.84 0.74 -8.27
C PRO B 41 -47.75 0.18 -7.18
N PRO B 42 -48.91 -0.39 -7.53
CA PRO B 42 -49.89 -0.88 -6.57
C PRO B 42 -49.34 -1.78 -5.49
N ASP B 43 -48.48 -2.71 -5.90
CA ASP B 43 -47.89 -3.72 -4.99
C ASP B 43 -46.78 -3.19 -4.05
N SER B 44 -46.45 -1.91 -4.14
CA SER B 44 -45.54 -1.29 -3.20
C SER B 44 -46.28 -0.94 -1.92
N ASP B 45 -45.62 -1.05 -0.79
CA ASP B 45 -46.11 -0.59 0.52
C ASP B 45 -45.31 0.63 1.04
N MET B 46 -44.57 1.32 0.18
CA MET B 46 -43.78 2.48 0.58
C MET B 46 -44.63 3.76 0.66
N ASP B 47 -44.07 4.75 1.34
CA ASP B 47 -44.67 6.05 1.56
C ASP B 47 -44.11 7.06 0.54
N LEU B 48 -44.94 7.47 -0.42
CA LEU B 48 -44.49 8.36 -1.50
C LEU B 48 -43.96 9.71 -1.00
N ASN B 49 -44.48 10.15 0.13
CA ASN B 49 -44.04 11.41 0.73
C ASN B 49 -42.63 11.46 1.26
N LEU B 50 -41.97 10.31 1.46
CA LEU B 50 -40.59 10.32 1.88
C LEU B 50 -39.64 10.17 0.69
N ILE B 51 -40.18 10.21 -0.53
CA ILE B 51 -39.41 10.03 -1.77
C ILE B 51 -39.27 11.38 -2.47
N GLU B 52 -38.04 11.82 -2.67
CA GLU B 52 -37.71 13.10 -3.26
C GLU B 52 -37.56 12.97 -4.75
N GLN B 53 -38.48 13.60 -5.45
CA GLN B 53 -38.73 13.27 -6.85
C GLN B 53 -37.78 13.83 -7.87
N ALA B 54 -37.35 15.06 -7.65
CA ALA B 54 -36.36 15.66 -8.53
C ALA B 54 -35.04 14.84 -8.56
N PRO B 55 -34.51 14.48 -7.38
CA PRO B 55 -33.29 13.67 -7.44
C PRO B 55 -33.55 12.29 -8.01
N LEU B 56 -34.72 11.73 -7.73
CA LEU B 56 -35.09 10.42 -8.28
C LEU B 56 -35.22 10.48 -9.80
N THR B 57 -35.79 11.56 -10.30
CA THR B 57 -35.86 11.77 -11.75
C THR B 57 -34.47 11.76 -12.41
N VAL B 58 -33.49 12.41 -11.78
CA VAL B 58 -32.13 12.43 -12.32
C VAL B 58 -31.51 11.04 -12.21
N ALA B 59 -31.69 10.38 -11.06
CA ALA B 59 -31.18 9.06 -10.85
C ALA B 59 -31.65 8.08 -11.86
N GLU B 60 -32.96 8.06 -12.11
CA GLU B 60 -33.53 7.17 -13.13
C GLU B 60 -32.87 7.32 -14.52
N LYS B 61 -32.63 8.55 -15.00
CA LYS B 61 -31.91 8.77 -16.27
C LYS B 61 -30.50 8.23 -16.19
N LEU B 62 -29.82 8.49 -15.10
CA LEU B 62 -28.45 8.08 -14.93
C LEU B 62 -28.31 6.54 -15.00
N GLN B 63 -29.16 5.81 -14.28
CA GLN B 63 -29.08 4.34 -14.30
C GLN B 63 -29.59 3.75 -15.61
N ARG B 64 -30.64 4.34 -16.19
CA ARG B 64 -31.09 3.95 -17.52
C ARG B 64 -29.98 4.14 -18.56
N ASP B 65 -29.37 5.32 -18.58
CA ASP B 65 -28.29 5.57 -19.54
C ASP B 65 -27.04 4.74 -19.28
N PHE B 66 -26.68 4.55 -18.00
CA PHE B 66 -25.62 3.68 -17.62
C PHE B 66 -25.79 2.29 -18.21
N LEU B 67 -26.98 1.72 -18.06
CA LEU B 67 -27.19 0.33 -18.49
C LEU B 67 -27.31 0.21 -20.01
N THR B 68 -27.87 1.21 -20.68
CA THR B 68 -27.81 1.25 -22.13
C THR B 68 -26.36 1.18 -22.61
N GLU B 69 -25.51 2.07 -22.08
CA GLU B 69 -24.10 2.06 -22.43
C GLU B 69 -23.42 0.75 -22.02
N TRP B 70 -23.78 0.23 -20.86
CA TRP B 70 -23.14 -0.96 -20.35
C TRP B 70 -23.37 -2.12 -21.31
N ARG B 71 -24.60 -2.24 -21.78
CA ARG B 71 -24.96 -3.27 -22.74
C ARG B 71 -24.21 -3.16 -24.07
N ARG B 72 -23.96 -1.93 -24.54
CA ARG B 72 -23.10 -1.68 -25.71
C ARG B 72 -21.66 -2.23 -25.51
N VAL B 73 -21.00 -1.87 -24.42
CA VAL B 73 -19.61 -2.25 -24.24
C VAL B 73 -19.44 -3.73 -23.86
N SER B 74 -20.37 -4.27 -23.08
CA SER B 74 -20.31 -5.65 -22.63
C SER B 74 -20.73 -6.64 -23.69
N LYS B 75 -21.48 -6.16 -24.68
CA LYS B 75 -22.19 -7.01 -25.68
C LYS B 75 -23.10 -8.07 -25.05
N ALA B 76 -23.63 -7.74 -23.89
CA ALA B 76 -24.52 -8.60 -23.11
C ALA B 76 -25.78 -7.81 -22.88
N PRO B 77 -26.67 -7.74 -23.88
CA PRO B 77 -28.02 -7.25 -23.51
C PRO B 77 -28.54 -8.32 -22.54
N GLU B 78 -29.53 -7.99 -21.72
CA GLU B 78 -29.99 -8.97 -20.71
C GLU B 78 -29.00 -9.22 -19.56
N ALA B 79 -27.92 -8.46 -19.48
CA ALA B 79 -27.05 -8.49 -18.33
C ALA B 79 -27.90 -8.25 -17.08
N LEU B 80 -27.62 -9.02 -16.04
CA LEU B 80 -28.28 -8.86 -14.74
C LEU B 80 -27.80 -7.59 -14.02
N PHE B 81 -28.75 -6.87 -13.40
CA PHE B 81 -28.44 -5.68 -12.62
C PHE B 81 -29.39 -5.46 -11.46
N PHE B 82 -28.87 -4.82 -10.42
CA PHE B 82 -29.69 -4.33 -9.33
C PHE B 82 -29.23 -2.90 -9.01
N VAL B 83 -30.13 -1.93 -9.04
CA VAL B 83 -29.76 -0.55 -8.78
C VAL B 83 -30.62 -0.05 -7.63
N GLN B 84 -29.99 0.53 -6.61
CA GLN B 84 -30.72 1.08 -5.47
C GLN B 84 -30.29 2.53 -5.25
N PHE B 85 -31.28 3.42 -5.15
CA PHE B 85 -31.05 4.84 -4.97
C PHE B 85 -31.36 5.17 -3.52
N GLU B 86 -30.42 5.89 -2.88
CA GLU B 86 -30.45 6.13 -1.45
C GLU B 86 -30.24 7.60 -1.13
N LYS B 87 -30.78 8.02 0.02
CA LYS B 87 -30.53 9.33 0.58
C LYS B 87 -29.62 9.18 1.79
N GLY B 88 -28.36 9.56 1.66
CA GLY B 88 -27.45 9.65 2.81
C GLY B 88 -27.90 10.85 3.68
N GLU B 89 -27.51 11.02 4.97
CA GLU B 89 -26.30 11.74 5.49
C GLU B 89 -25.97 13.09 4.73
N SER B 90 -25.13 13.00 3.71
CA SER B 90 -24.58 14.13 2.91
C SER B 90 -25.20 14.26 1.50
N TYR B 91 -25.22 13.14 0.77
CA TYR B 91 -25.52 13.08 -0.65
C TYR B 91 -26.55 11.99 -0.91
N PHE B 92 -27.34 12.21 -1.94
CA PHE B 92 -28.06 11.12 -2.55
C PHE B 92 -27.02 10.26 -3.29
N HIS B 93 -27.15 8.94 -3.27
CA HIS B 93 -26.28 8.08 -4.12
C HIS B 93 -26.92 6.77 -4.56
N MET B 94 -26.48 6.30 -5.72
CA MET B 94 -26.98 5.09 -6.31
C MET B 94 -25.92 4.04 -6.28
N HIS B 95 -26.25 2.88 -5.75
CA HIS B 95 -25.43 1.68 -5.91
C HIS B 95 -25.86 0.94 -7.18
N VAL B 96 -24.98 0.87 -8.16
CA VAL B 96 -25.26 0.11 -9.37
C VAL B 96 -24.50 -1.22 -9.32
N LEU B 97 -25.22 -2.35 -9.30
CA LEU B 97 -24.61 -3.67 -9.42
C LEU B 97 -24.89 -4.25 -10.81
N VAL B 98 -23.84 -4.59 -11.51
CA VAL B 98 -23.95 -4.99 -12.88
C VAL B 98 -23.08 -6.25 -13.07
N GLU B 99 -23.65 -7.24 -13.74
CA GLU B 99 -22.99 -8.49 -13.92
C GLU B 99 -21.70 -8.35 -14.73
N THR B 100 -20.65 -9.09 -14.34
CA THR B 100 -19.33 -8.92 -14.98
C THR B 100 -19.26 -9.39 -16.44
N THR B 101 -20.23 -10.19 -16.89
CA THR B 101 -20.19 -10.81 -18.20
C THR B 101 -19.82 -9.84 -19.30
N GLY B 102 -18.81 -10.19 -20.09
CA GLY B 102 -18.41 -9.40 -21.24
C GLY B 102 -17.38 -8.33 -20.97
N VAL B 103 -17.04 -8.13 -19.69
CA VAL B 103 -16.14 -7.03 -19.29
C VAL B 103 -15.17 -7.57 -18.27
N LYS B 104 -13.99 -7.92 -18.76
CA LYS B 104 -12.89 -8.36 -17.94
C LYS B 104 -12.50 -7.22 -17.04
N SER B 105 -12.11 -7.54 -15.82
CA SER B 105 -11.62 -6.56 -14.88
C SER B 105 -10.53 -5.61 -15.46
N MET B 106 -9.61 -6.14 -16.25
CA MET B 106 -8.52 -5.34 -16.78
C MET B 106 -9.01 -4.09 -17.54
N VAL B 107 -10.19 -4.22 -18.07
CA VAL B 107 -10.70 -3.37 -19.08
C VAL B 107 -11.92 -2.52 -18.59
N LEU B 108 -12.31 -2.71 -17.34
CA LEU B 108 -13.48 -2.03 -16.81
C LEU B 108 -13.31 -0.52 -16.82
N GLY B 109 -12.16 -0.03 -16.35
CA GLY B 109 -11.87 1.38 -16.29
C GLY B 109 -12.03 2.10 -17.61
N ARG B 110 -11.50 1.54 -18.70
CA ARG B 110 -11.55 2.24 -19.98
C ARG B 110 -12.98 2.32 -20.44
N PHE B 111 -13.75 1.26 -20.20
CA PHE B 111 -15.21 1.34 -20.45
C PHE B 111 -16.04 2.27 -19.53
N LEU B 112 -15.77 2.27 -18.22
CA LEU B 112 -16.50 3.12 -17.31
C LEU B 112 -16.21 4.58 -17.60
N SER B 113 -15.01 4.95 -18.06
CA SER B 113 -14.77 6.38 -18.39
C SER B 113 -15.59 6.80 -19.63
N GLN B 114 -15.81 5.87 -20.57
CA GLN B 114 -16.67 6.16 -21.71
C GLN B 114 -18.09 6.41 -21.20
N ILE B 115 -18.56 5.57 -20.28
CA ILE B 115 -19.90 5.69 -19.75
C ILE B 115 -19.95 6.98 -18.93
N ARG B 116 -18.98 7.24 -18.09
CA ARG B 116 -18.95 8.47 -17.32
C ARG B 116 -19.02 9.71 -18.19
N GLU B 117 -18.23 9.75 -19.25
CA GLU B 117 -18.27 10.88 -20.18
C GLU B 117 -19.63 11.02 -20.86
N LYS B 118 -20.21 9.91 -21.27
CA LYS B 118 -21.52 9.94 -21.84
C LYS B 118 -22.58 10.52 -20.89
N LEU B 119 -22.54 10.13 -19.62
CA LEU B 119 -23.48 10.64 -18.64
C LEU B 119 -23.34 12.13 -18.43
N ILE B 120 -22.11 12.62 -18.34
CA ILE B 120 -21.85 14.06 -18.27
C ILE B 120 -22.40 14.83 -19.47
N GLN B 121 -22.17 14.32 -20.65
CA GLN B 121 -22.67 14.94 -21.86
C GLN B 121 -24.19 15.00 -21.85
N ARG B 122 -24.82 13.86 -21.67
CA ARG B 122 -26.28 13.72 -21.80
C ARG B 122 -27.07 14.30 -20.64
N ILE B 123 -26.75 13.91 -19.40
CA ILE B 123 -27.48 14.37 -18.25
C ILE B 123 -27.01 15.75 -17.80
N TYR B 124 -25.70 15.99 -17.76
CA TYR B 124 -25.13 17.22 -17.18
C TYR B 124 -24.69 18.29 -18.22
N ARG B 125 -25.08 18.08 -19.48
CA ARG B 125 -24.89 19.08 -20.55
C ARG B 125 -23.41 19.45 -20.72
N GLY B 126 -22.54 18.47 -20.51
CA GLY B 126 -21.11 18.69 -20.67
C GLY B 126 -20.37 19.25 -19.48
N ILE B 127 -21.04 19.53 -18.37
CA ILE B 127 -20.47 20.20 -17.20
C ILE B 127 -20.28 19.17 -16.08
N GLU B 128 -19.01 18.81 -15.78
CA GLU B 128 -18.76 17.72 -14.81
C GLU B 128 -19.34 18.12 -13.46
N PRO B 129 -19.98 17.17 -12.75
CA PRO B 129 -20.48 17.56 -11.43
C PRO B 129 -19.35 17.84 -10.47
N THR B 130 -19.63 18.75 -9.54
CA THR B 130 -18.67 19.21 -8.54
C THR B 130 -18.65 18.35 -7.27
N LEU B 131 -19.66 17.50 -7.10
CA LEU B 131 -19.64 16.52 -6.02
C LEU B 131 -18.34 15.71 -6.03
N PRO B 132 -17.69 15.55 -4.88
CA PRO B 132 -16.29 15.07 -4.80
C PRO B 132 -15.87 13.83 -5.59
N ASN B 133 -16.49 12.69 -5.36
CA ASN B 133 -16.01 11.43 -5.97
C ASN B 133 -17.26 10.79 -6.58
N TRP B 134 -17.90 11.52 -7.49
CA TRP B 134 -19.28 11.26 -7.84
C TRP B 134 -19.55 9.99 -8.64
N PHE B 135 -18.50 9.39 -9.21
CA PHE B 135 -18.64 8.20 -10.05
C PHE B 135 -17.45 7.32 -9.69
N ALA B 136 -17.68 6.29 -8.89
CA ALA B 136 -16.64 5.52 -8.27
C ALA B 136 -16.93 4.03 -8.25
N VAL B 137 -16.08 3.28 -8.94
CA VAL B 137 -16.14 1.80 -8.87
C VAL B 137 -15.59 1.35 -7.50
N THR B 138 -16.15 0.28 -6.98
CA THR B 138 -15.73 -0.26 -5.71
C THR B 138 -14.52 -1.15 -5.95
N LYS B 139 -13.46 -0.90 -5.18
CA LYS B 139 -12.22 -1.60 -5.24
C LYS B 139 -12.07 -2.56 -4.06
N THR B 140 -11.06 -3.42 -4.13
CA THR B 140 -10.79 -4.37 -3.06
C THR B 140 -10.01 -3.75 -1.90
N ARG B 141 -9.60 -2.50 -2.02
CA ARG B 141 -8.92 -1.78 -0.95
C ARG B 141 -9.48 -0.40 -0.78
N ASN B 142 -9.31 0.15 0.40
CA ASN B 142 -9.70 1.55 0.62
C ASN B 142 -8.74 2.54 -0.03
N GLY B 143 -7.50 2.13 -0.21
CA GLY B 143 -6.47 2.94 -0.84
C GLY B 143 -6.22 2.54 -2.28
N ALA B 144 -5.24 3.20 -2.89
CA ALA B 144 -4.81 2.95 -4.24
C ALA B 144 -4.20 1.54 -4.38
N GLY B 145 -4.32 0.97 -5.56
CA GLY B 145 -3.57 -0.26 -5.94
C GLY B 145 -4.24 -1.61 -5.79
N GLY B 146 -5.53 -1.60 -5.47
CA GLY B 146 -6.36 -2.79 -5.41
C GLY B 146 -7.00 -3.12 -6.73
N GLY B 147 -7.82 -4.16 -6.72
CA GLY B 147 -8.49 -4.66 -7.88
C GLY B 147 -9.92 -4.23 -7.85
N ASN B 148 -10.56 -4.25 -9.02
CA ASN B 148 -11.99 -4.00 -9.11
C ASN B 148 -12.72 -5.11 -8.36
N LYS B 149 -13.58 -4.76 -7.44
CA LYS B 149 -14.22 -5.76 -6.61
C LYS B 149 -15.31 -6.51 -7.38
N VAL B 150 -15.36 -7.83 -7.20
CA VAL B 150 -16.46 -8.63 -7.68
C VAL B 150 -17.19 -9.18 -6.48
N VAL B 151 -18.47 -8.87 -6.41
CA VAL B 151 -19.27 -9.27 -5.30
C VAL B 151 -20.28 -10.24 -5.87
N ASP B 152 -20.73 -11.22 -5.09
CA ASP B 152 -21.74 -12.14 -5.63
C ASP B 152 -23.09 -11.62 -5.15
N GLU B 153 -24.12 -12.32 -5.57
CA GLU B 153 -25.49 -11.91 -5.41
C GLU B 153 -25.87 -11.61 -3.96
N SER B 154 -25.25 -12.30 -3.01
CA SER B 154 -25.62 -12.12 -1.59
C SER B 154 -25.41 -10.70 -1.04
N TYR B 155 -24.65 -9.87 -1.74
CA TYR B 155 -24.55 -8.44 -1.41
C TYR B 155 -25.90 -7.79 -1.31
N ILE B 156 -26.83 -8.20 -2.17
CA ILE B 156 -28.13 -7.53 -2.24
C ILE B 156 -28.91 -7.74 -0.92
N PRO B 157 -29.14 -8.99 -0.53
CA PRO B 157 -29.78 -9.21 0.80
C PRO B 157 -28.99 -8.69 2.00
N ASN B 158 -27.67 -8.84 2.00
CA ASN B 158 -26.85 -8.41 3.12
C ASN B 158 -26.75 -6.90 3.30
N PHE B 159 -26.60 -6.16 2.22
CA PHE B 159 -26.32 -4.73 2.30
C PHE B 159 -27.39 -3.82 1.69
N LEU B 160 -28.10 -4.24 0.64
CA LEU B 160 -29.06 -3.35 0.02
C LEU B 160 -30.46 -3.51 0.55
N LEU B 161 -30.94 -4.74 0.59
CA LEU B 161 -32.34 -4.97 0.94
C LEU B 161 -32.77 -4.42 2.31
N PRO B 162 -31.87 -4.44 3.32
CA PRO B 162 -32.32 -4.00 4.65
C PRO B 162 -32.68 -2.54 4.76
N LYS B 163 -32.24 -1.72 3.80
CA LYS B 163 -32.46 -0.27 3.88
C LYS B 163 -33.96 0.04 3.87
N THR B 164 -34.37 1.00 4.68
CA THR B 164 -35.76 1.38 4.86
C THR B 164 -35.87 2.85 4.62
N GLN B 165 -37.09 3.38 4.60
CA GLN B 165 -37.29 4.81 4.35
C GLN B 165 -36.93 5.64 5.59
N PRO B 166 -36.36 6.85 5.40
CA PRO B 166 -36.17 7.52 4.09
C PRO B 166 -34.83 7.25 3.39
N GLU B 167 -33.97 6.40 3.96
CA GLU B 167 -32.70 6.11 3.30
C GLU B 167 -32.99 5.49 1.94
N LEU B 168 -33.85 4.48 1.90
CA LEU B 168 -34.30 3.90 0.64
C LEU B 168 -35.21 4.89 -0.06
N GLN B 169 -34.86 5.18 -1.33
CA GLN B 169 -35.65 6.04 -2.20
C GLN B 169 -36.32 5.27 -3.32
N TRP B 170 -35.56 4.41 -4.00
CA TRP B 170 -36.09 3.61 -5.12
C TRP B 170 -35.12 2.52 -5.48
N ALA B 171 -35.60 1.53 -6.21
CA ALA B 171 -34.74 0.48 -6.77
C ALA B 171 -35.27 -0.09 -8.08
N TRP B 172 -34.35 -0.68 -8.84
CA TRP B 172 -34.63 -1.24 -10.16
C TRP B 172 -33.84 -2.52 -10.34
N THR B 173 -34.46 -3.52 -10.95
CA THR B 173 -33.75 -4.76 -11.23
C THR B 173 -34.40 -5.52 -12.38
N ASN B 174 -33.61 -6.39 -13.03
CA ASN B 174 -34.18 -7.35 -13.97
C ASN B 174 -33.96 -8.75 -13.42
N MET B 175 -33.67 -8.88 -12.12
CA MET B 175 -33.47 -10.17 -11.48
C MET B 175 -34.81 -10.62 -10.90
N GLU B 176 -35.29 -11.80 -11.31
CA GLU B 176 -36.65 -12.26 -11.01
C GLU B 176 -36.94 -12.30 -9.52
N GLN B 177 -36.03 -12.93 -8.78
CA GLN B 177 -36.16 -13.03 -7.33
C GLN B 177 -36.26 -11.69 -6.58
N TYR B 178 -35.78 -10.61 -7.18
CA TYR B 178 -35.85 -9.31 -6.52
C TYR B 178 -36.86 -8.30 -7.11
N LEU B 179 -37.64 -8.67 -8.12
CA LEU B 179 -38.57 -7.71 -8.71
C LEU B 179 -39.52 -7.17 -7.67
N SER B 180 -40.17 -8.08 -6.95
CA SER B 180 -41.09 -7.72 -5.84
C SER B 180 -40.43 -6.90 -4.75
N ALA B 181 -39.16 -7.17 -4.48
CA ALA B 181 -38.46 -6.55 -3.37
C ALA B 181 -38.13 -5.06 -3.57
N CYS B 182 -37.99 -4.66 -4.83
CA CYS B 182 -37.52 -3.31 -5.10
C CYS B 182 -38.21 -2.25 -4.28
N LEU B 183 -39.54 -2.29 -4.31
CA LEU B 183 -40.36 -1.25 -3.71
C LEU B 183 -41.31 -1.80 -2.65
N ASN B 184 -40.96 -2.94 -2.07
CA ASN B 184 -41.76 -3.55 -1.02
C ASN B 184 -40.96 -3.91 0.23
N LEU B 185 -41.23 -3.16 1.29
CA LEU B 185 -40.51 -3.30 2.58
C LEU B 185 -40.72 -4.64 3.23
N THR B 186 -41.96 -5.13 3.19
CA THR B 186 -42.32 -6.48 3.68
C THR B 186 -41.60 -7.60 2.92
N GLU B 187 -41.53 -7.48 1.61
CA GLU B 187 -40.82 -8.46 0.78
C GLU B 187 -39.30 -8.36 0.99
N ARG B 188 -38.78 -7.15 1.22
CA ARG B 188 -37.38 -6.96 1.60
C ARG B 188 -37.11 -7.67 2.91
N LYS B 189 -37.90 -7.33 3.93
CA LYS B 189 -37.83 -7.99 5.23
C LYS B 189 -37.84 -9.53 5.15
N ARG B 190 -38.64 -10.07 4.22
CA ARG B 190 -38.78 -11.53 4.05
C ARG B 190 -37.52 -12.14 3.45
N LEU B 191 -37.03 -11.61 2.37
CA LEU B 191 -35.80 -12.12 1.74
C LEU B 191 -34.55 -11.98 2.62
N VAL B 192 -34.51 -10.94 3.46
CA VAL B 192 -33.42 -10.75 4.41
C VAL B 192 -33.44 -11.91 5.42
N ALA B 193 -34.61 -12.16 6.03
CA ALA B 193 -34.77 -13.25 6.99
C ALA B 193 -34.59 -14.65 6.37
N GLN B 194 -35.09 -14.84 5.15
CA GLN B 194 -34.89 -16.08 4.37
C GLN B 194 -33.43 -16.30 3.97
N HIS B 195 -32.68 -15.22 3.77
CA HIS B 195 -31.24 -15.34 3.51
C HIS B 195 -30.44 -15.81 4.76
N LEU B 196 -30.91 -15.51 5.98
CA LEU B 196 -30.23 -16.02 7.19
C LEU B 196 -30.59 -17.52 7.29
N THR B 197 -29.69 -18.35 6.70
CA THR B 197 -29.95 -19.73 6.19
C THR B 197 -28.68 -20.47 5.64
N PRO C 5 28.13 -8.39 -6.07
CA PRO C 5 27.49 -9.51 -6.82
C PRO C 5 26.60 -10.44 -5.93
N GLY C 6 25.35 -10.04 -5.67
CA GLY C 6 24.41 -10.78 -4.78
C GLY C 6 23.44 -11.76 -5.43
N PHE C 7 22.80 -12.60 -4.62
CA PHE C 7 21.90 -13.65 -5.12
C PHE C 7 20.55 -13.66 -4.43
N TYR C 8 19.50 -13.91 -5.20
CA TYR C 8 18.20 -14.27 -4.66
C TYR C 8 18.12 -15.78 -4.53
N GLU C 9 17.34 -16.27 -3.57
CA GLU C 9 17.16 -17.68 -3.36
C GLU C 9 15.70 -18.07 -3.55
N ILE C 10 15.49 -19.07 -4.39
CA ILE C 10 14.20 -19.65 -4.56
C ILE C 10 14.29 -21.12 -4.17
N VAL C 11 13.37 -21.55 -3.33
CA VAL C 11 13.31 -22.95 -2.90
C VAL C 11 12.11 -23.60 -3.56
N ILE C 12 12.37 -24.66 -4.31
CA ILE C 12 11.35 -25.35 -5.07
C ILE C 12 11.26 -26.76 -4.54
N LYS C 13 10.09 -27.15 -4.04
CA LYS C 13 9.87 -28.53 -3.60
C LYS C 13 9.46 -29.44 -4.78
N VAL C 14 9.91 -30.69 -4.70
CA VAL C 14 9.72 -31.71 -5.73
C VAL C 14 9.13 -32.95 -5.05
N PRO C 15 8.13 -33.60 -5.65
CA PRO C 15 7.52 -34.71 -4.92
C PRO C 15 8.19 -36.07 -5.20
N SER C 16 7.73 -37.15 -4.55
CA SER C 16 8.12 -38.57 -4.87
C SER C 16 7.06 -39.22 -5.81
N ASP C 17 7.04 -38.69 -7.05
CA ASP C 17 6.04 -38.98 -8.08
C ASP C 17 6.51 -38.30 -9.38
N SER C 26 3.10 -42.28 -14.97
CA SER C 26 2.75 -43.63 -14.47
C SER C 26 3.73 -44.74 -14.86
N ASP C 27 3.89 -45.75 -14.00
CA ASP C 27 4.91 -46.79 -14.17
C ASP C 27 4.51 -47.79 -15.25
N SER C 28 3.22 -47.85 -15.60
CA SER C 28 2.72 -48.81 -16.62
C SER C 28 3.03 -48.40 -18.06
N PHE C 29 3.50 -47.17 -18.27
CA PHE C 29 3.86 -46.71 -19.62
C PHE C 29 5.05 -45.74 -19.73
N VAL C 30 5.37 -45.38 -20.96
CA VAL C 30 6.58 -44.64 -21.25
C VAL C 30 6.26 -43.16 -20.97
N ASN C 31 7.10 -42.55 -20.18
CA ASN C 31 6.98 -41.16 -19.88
C ASN C 31 8.35 -40.57 -19.70
N TRP C 32 8.41 -39.25 -19.80
CA TRP C 32 9.68 -38.55 -19.76
C TRP C 32 10.41 -38.65 -18.44
N VAL C 33 9.67 -38.88 -17.36
CA VAL C 33 10.26 -38.89 -16.03
C VAL C 33 11.01 -40.17 -15.80
N ALA C 34 10.31 -41.28 -16.03
CA ALA C 34 10.85 -42.61 -15.79
C ALA C 34 11.86 -43.06 -16.81
N GLU C 35 11.85 -42.53 -18.02
CA GLU C 35 12.74 -43.04 -19.05
C GLU C 35 14.21 -42.60 -18.83
N LYS C 36 14.46 -41.58 -18.03
CA LYS C 36 15.81 -41.09 -17.92
C LYS C 36 16.67 -41.88 -16.93
N GLU C 37 17.76 -42.45 -17.43
CA GLU C 37 18.85 -43.02 -16.59
C GLU C 37 19.94 -41.93 -16.37
N TRP C 38 20.40 -41.81 -15.13
CA TRP C 38 21.40 -40.84 -14.76
C TRP C 38 22.73 -41.50 -14.49
N GLU C 39 23.82 -40.86 -14.90
CA GLU C 39 25.16 -41.35 -14.54
C GLU C 39 26.04 -40.20 -14.05
N LEU C 40 26.84 -40.50 -13.04
CA LEU C 40 27.75 -39.51 -12.51
C LEU C 40 28.86 -39.31 -13.53
N PRO C 41 29.25 -38.03 -13.76
CA PRO C 41 30.41 -37.83 -14.63
C PRO C 41 31.66 -38.43 -13.99
N PRO C 42 32.66 -38.74 -14.80
CA PRO C 42 33.92 -39.40 -14.31
C PRO C 42 34.59 -38.79 -13.07
N ASP C 43 34.68 -37.46 -13.06
CA ASP C 43 35.32 -36.68 -11.97
C ASP C 43 34.51 -36.62 -10.64
N SER C 44 33.31 -37.18 -10.62
CA SER C 44 32.54 -37.27 -9.39
C SER C 44 33.03 -38.44 -8.55
N ASP C 45 33.00 -38.25 -7.23
CA ASP C 45 33.25 -39.30 -6.25
C ASP C 45 31.99 -39.71 -5.47
N MET C 46 30.81 -39.35 -5.96
CA MET C 46 29.57 -39.67 -5.28
C MET C 46 29.09 -41.10 -5.58
N ASP C 47 28.19 -41.57 -4.73
CA ASP C 47 27.57 -42.90 -4.78
C ASP C 47 26.22 -42.80 -5.49
N LEU C 48 26.15 -43.35 -6.70
CA LEU C 48 24.92 -43.27 -7.52
C LEU C 48 23.70 -43.90 -6.86
N ASN C 49 23.94 -44.91 -6.00
CA ASN C 49 22.85 -45.60 -5.33
C ASN C 49 22.13 -44.82 -4.29
N LEU C 50 22.68 -43.71 -3.83
CA LEU C 50 21.96 -42.85 -2.90
C LEU C 50 21.22 -41.67 -3.57
N ILE C 51 21.20 -41.67 -4.91
CA ILE C 51 20.57 -40.64 -5.72
C ILE C 51 19.29 -41.20 -6.31
N GLU C 52 18.18 -40.54 -6.01
CA GLU C 52 16.86 -40.96 -6.45
C GLU C 52 16.54 -40.27 -7.76
N GLN C 53 16.42 -41.07 -8.80
CA GLN C 53 16.49 -40.60 -10.17
C GLN C 53 15.21 -39.97 -10.71
N ALA C 54 14.05 -40.54 -10.38
CA ALA C 54 12.78 -39.95 -10.80
C ALA C 54 12.63 -38.50 -10.27
N PRO C 55 12.80 -38.28 -8.97
CA PRO C 55 12.77 -36.90 -8.54
C PRO C 55 13.85 -36.02 -9.16
N LEU C 56 15.04 -36.58 -9.35
CA LEU C 56 16.12 -35.81 -9.93
C LEU C 56 15.74 -35.43 -11.36
N THR C 57 15.12 -36.36 -12.08
CA THR C 57 14.70 -36.08 -13.45
C THR C 57 13.79 -34.85 -13.50
N VAL C 58 12.84 -34.75 -12.55
CA VAL C 58 11.90 -33.65 -12.51
C VAL C 58 12.64 -32.38 -12.14
N ALA C 59 13.52 -32.47 -11.15
CA ALA C 59 14.32 -31.34 -10.70
C ALA C 59 15.15 -30.72 -11.80
N GLU C 60 15.83 -31.53 -12.57
CA GLU C 60 16.59 -31.05 -13.71
C GLU C 60 15.78 -30.21 -14.68
N LYS C 61 14.57 -30.66 -15.01
CA LYS C 61 13.67 -29.87 -15.87
C LYS C 61 13.27 -28.55 -15.27
N LEU C 62 12.94 -28.60 -13.98
CA LEU C 62 12.50 -27.44 -13.28
C LEU C 62 13.57 -26.37 -13.28
N GLN C 63 14.80 -26.74 -12.96
CA GLN C 63 15.87 -25.75 -12.91
C GLN C 63 16.28 -25.26 -14.29
N ARG C 64 16.28 -26.18 -15.26
CA ARG C 64 16.59 -25.80 -16.65
C ARG C 64 15.56 -24.79 -17.15
N ASP C 65 14.27 -25.10 -16.96
CA ASP C 65 13.20 -24.17 -17.39
C ASP C 65 13.16 -22.87 -16.61
N PHE C 66 13.40 -22.94 -15.30
CA PHE C 66 13.58 -21.78 -14.45
C PHE C 66 14.63 -20.82 -15.03
N LEU C 67 15.78 -21.33 -15.39
CA LEU C 67 16.88 -20.45 -15.79
C LEU C 67 16.70 -19.93 -17.21
N THR C 68 16.12 -20.73 -18.07
CA THR C 68 15.71 -20.20 -19.38
C THR C 68 14.82 -18.95 -19.20
N GLU C 69 13.77 -19.10 -18.40
CA GLU C 69 12.87 -18.01 -18.12
C GLU C 69 13.54 -16.85 -17.38
N TRP C 70 14.38 -17.16 -16.42
CA TRP C 70 15.07 -16.14 -15.67
C TRP C 70 15.90 -15.25 -16.59
N ARG C 71 16.59 -15.86 -17.54
CA ARG C 71 17.36 -15.09 -18.52
C ARG C 71 16.52 -14.14 -19.38
N ARG C 72 15.31 -14.59 -19.76
CA ARG C 72 14.38 -13.76 -20.52
C ARG C 72 14.00 -12.49 -19.74
N VAL C 73 13.59 -12.65 -18.49
CA VAL C 73 13.09 -11.53 -17.71
C VAL C 73 14.19 -10.60 -17.18
N SER C 74 15.32 -11.16 -16.81
CA SER C 74 16.47 -10.38 -16.34
C SER C 74 17.22 -9.64 -17.46
N LYS C 75 17.05 -10.10 -18.70
CA LYS C 75 17.90 -9.71 -19.83
C LYS C 75 19.41 -9.91 -19.60
N ALA C 76 19.73 -10.91 -18.79
CA ALA C 76 21.09 -11.24 -18.45
C ALA C 76 21.26 -12.71 -18.83
N PRO C 77 21.54 -12.98 -20.12
CA PRO C 77 22.02 -14.36 -20.37
C PRO C 77 23.38 -14.40 -19.69
N GLU C 78 23.91 -15.57 -19.39
CA GLU C 78 25.21 -15.59 -18.68
C GLU C 78 25.06 -15.14 -17.17
N ALA C 79 23.84 -14.98 -16.66
CA ALA C 79 23.61 -14.78 -15.23
C ALA C 79 24.18 -15.91 -14.45
N LEU C 80 24.86 -15.55 -13.35
CA LEU C 80 25.44 -16.54 -12.45
C LEU C 80 24.37 -17.27 -11.65
N PHE C 81 24.53 -18.59 -11.52
CA PHE C 81 23.64 -19.40 -10.71
C PHE C 81 24.31 -20.59 -10.06
N PHE C 82 23.72 -21.00 -8.94
CA PHE C 82 24.07 -22.25 -8.33
C PHE C 82 22.78 -22.93 -7.91
N VAL C 83 22.58 -24.19 -8.31
CA VAL C 83 21.37 -24.92 -7.96
C VAL C 83 21.74 -26.20 -7.30
N GLN C 84 21.15 -26.48 -6.15
CA GLN C 84 21.46 -27.72 -5.42
C GLN C 84 20.15 -28.42 -5.06
N PHE C 85 20.07 -29.69 -5.41
CA PHE C 85 18.87 -30.48 -5.17
C PHE C 85 19.14 -31.37 -3.99
N GLU C 86 18.20 -31.42 -3.06
CA GLU C 86 18.37 -32.06 -1.75
C GLU C 86 17.20 -32.95 -1.39
N LYS C 87 17.47 -33.95 -0.55
CA LYS C 87 16.45 -34.79 0.02
C LYS C 87 16.30 -34.47 1.49
N GLY C 88 15.22 -33.79 1.85
CA GLY C 88 14.91 -33.53 3.24
C GLY C 88 14.24 -34.74 3.81
N GLU C 89 13.89 -34.61 5.10
CA GLU C 89 13.07 -35.61 5.82
C GLU C 89 11.65 -35.70 5.24
N SER C 90 11.07 -34.56 4.83
CA SER C 90 9.69 -34.50 4.34
C SER C 90 9.63 -34.54 2.82
N TYR C 91 10.38 -33.60 2.20
CA TYR C 91 10.28 -33.31 0.78
C TYR C 91 11.65 -33.23 0.17
N PHE C 92 11.71 -33.58 -1.09
CA PHE C 92 12.85 -33.18 -1.90
C PHE C 92 12.71 -31.69 -2.16
N HIS C 93 13.81 -30.95 -2.17
CA HIS C 93 13.75 -29.52 -2.55
C HIS C 93 15.03 -28.99 -3.19
N MET C 94 14.88 -28.05 -4.11
CA MET C 94 16.05 -27.43 -4.74
C MET C 94 16.18 -26.00 -4.33
N HIS C 95 17.39 -25.66 -3.91
CA HIS C 95 17.78 -24.29 -3.64
C HIS C 95 18.28 -23.68 -4.92
N VAL C 96 17.57 -22.70 -5.46
CA VAL C 96 18.03 -22.00 -6.66
C VAL C 96 18.64 -20.67 -6.24
N LEU C 97 19.93 -20.48 -6.49
CA LEU C 97 20.55 -19.17 -6.30
C LEU C 97 20.79 -18.53 -7.64
N VAL C 98 20.29 -17.31 -7.81
CA VAL C 98 20.37 -16.64 -9.08
C VAL C 98 20.77 -15.19 -8.87
N GLU C 99 21.69 -14.72 -9.69
CA GLU C 99 22.26 -13.39 -9.53
C GLU C 99 21.19 -12.30 -9.72
N THR C 100 21.25 -11.26 -8.90
CA THR C 100 20.20 -10.22 -8.92
C THR C 100 20.18 -9.35 -10.18
N THR C 101 21.27 -9.35 -10.95
CA THR C 101 21.41 -8.47 -12.10
C THR C 101 20.16 -8.46 -13.00
N GLY C 102 19.67 -7.26 -13.28
CA GLY C 102 18.54 -7.08 -14.17
C GLY C 102 17.16 -7.13 -13.53
N VAL C 103 17.10 -7.44 -12.22
CA VAL C 103 15.84 -7.70 -11.54
C VAL C 103 15.91 -7.03 -10.19
N LYS C 104 15.37 -5.81 -10.13
CA LYS C 104 15.18 -5.09 -8.91
C LYS C 104 14.29 -5.88 -8.01
N SER C 105 14.53 -5.78 -6.71
CA SER C 105 13.69 -6.42 -5.70
C SER C 105 12.20 -6.10 -5.80
N MET C 106 11.84 -4.85 -6.12
CA MET C 106 10.43 -4.46 -6.24
C MET C 106 9.65 -5.33 -7.24
N VAL C 107 10.38 -5.91 -8.17
CA VAL C 107 9.84 -6.47 -9.37
C VAL C 107 10.07 -8.00 -9.45
N LEU C 108 10.73 -8.56 -8.44
CA LEU C 108 11.02 -9.97 -8.45
C LEU C 108 9.73 -10.83 -8.47
N GLY C 109 8.78 -10.51 -7.60
CA GLY C 109 7.53 -11.25 -7.51
C GLY C 109 6.77 -11.41 -8.80
N ARG C 110 6.64 -10.33 -9.55
CA ARG C 110 5.86 -10.38 -10.81
C ARG C 110 6.59 -11.26 -11.79
N PHE C 111 7.91 -11.17 -11.81
CA PHE C 111 8.68 -12.10 -12.64
C PHE C 111 8.68 -13.57 -12.20
N LEU C 112 8.82 -13.84 -10.91
CA LEU C 112 8.78 -15.21 -10.42
C LEU C 112 7.41 -15.85 -10.64
N SER C 113 6.31 -15.10 -10.63
CA SER C 113 5.07 -15.72 -10.95
C SER C 113 5.00 -16.18 -12.37
N GLN C 114 5.57 -15.39 -13.27
CA GLN C 114 5.61 -15.74 -14.68
C GLN C 114 6.38 -17.02 -14.85
N ILE C 115 7.48 -17.15 -14.12
CA ILE C 115 8.25 -18.37 -14.13
C ILE C 115 7.48 -19.52 -13.47
N ARG C 116 6.88 -19.28 -12.32
CA ARG C 116 6.10 -20.28 -11.64
C ARG C 116 5.03 -20.83 -12.56
N GLU C 117 4.34 -19.94 -13.23
CA GLU C 117 3.25 -20.37 -14.13
C GLU C 117 3.74 -21.21 -15.27
N LYS C 118 4.84 -20.77 -15.84
CA LYS C 118 5.44 -21.51 -16.92
C LYS C 118 5.85 -22.91 -16.50
N LEU C 119 6.40 -23.07 -15.29
CA LEU C 119 6.75 -24.38 -14.79
C LEU C 119 5.53 -25.29 -14.63
N ILE C 120 4.46 -24.77 -14.08
CA ILE C 120 3.21 -25.50 -13.91
C ILE C 120 2.66 -25.96 -15.26
N GLN C 121 2.66 -25.07 -16.24
CA GLN C 121 2.20 -25.41 -17.56
C GLN C 121 3.04 -26.55 -18.14
N ARG C 122 4.35 -26.35 -18.19
CA ARG C 122 5.25 -27.24 -18.88
C ARG C 122 5.51 -28.55 -18.15
N ILE C 123 5.90 -28.49 -16.88
CA ILE C 123 6.26 -29.68 -16.14
C ILE C 123 5.02 -30.35 -15.58
N TYR C 124 4.10 -29.59 -15.01
CA TYR C 124 2.90 -30.15 -14.31
C TYR C 124 1.58 -30.17 -15.14
N ARG C 125 1.70 -29.92 -16.45
CA ARG C 125 0.60 -30.01 -17.40
C ARG C 125 -0.60 -29.13 -16.99
N GLY C 126 -0.32 -27.98 -16.40
CA GLY C 126 -1.36 -27.05 -15.98
C GLY C 126 -1.98 -27.27 -14.62
N ILE C 127 -1.55 -28.29 -13.89
CA ILE C 127 -2.16 -28.68 -12.60
C ILE C 127 -1.22 -28.27 -11.46
N GLU C 128 -1.59 -27.27 -10.67
CA GLU C 128 -0.67 -26.75 -9.64
C GLU C 128 -0.31 -27.86 -8.64
N PRO C 129 0.96 -27.93 -8.17
CA PRO C 129 1.26 -29.01 -7.22
C PRO C 129 0.64 -28.74 -5.88
N THR C 130 0.30 -29.83 -5.19
CA THR C 130 -0.42 -29.79 -3.91
C THR C 130 0.52 -29.68 -2.71
N LEU C 131 1.81 -29.90 -2.94
CA LEU C 131 2.83 -29.62 -1.91
C LEU C 131 2.67 -28.19 -1.34
N PRO C 132 2.65 -28.04 -0.01
CA PRO C 132 2.25 -26.79 0.65
C PRO C 132 2.78 -25.45 0.14
N ASN C 133 4.07 -25.25 0.11
CA ASN C 133 4.61 -23.92 -0.20
C ASN C 133 5.72 -24.18 -1.21
N TRP C 134 5.33 -24.79 -2.31
CA TRP C 134 6.27 -25.45 -3.19
C TRP C 134 7.22 -24.56 -4.00
N PHE C 135 6.93 -23.26 -4.09
CA PHE C 135 7.75 -22.34 -4.87
C PHE C 135 7.81 -21.07 -4.05
N ALA C 136 8.93 -20.85 -3.36
CA ALA C 136 9.03 -19.85 -2.33
C ALA C 136 10.39 -19.13 -2.39
N VAL C 137 10.32 -17.83 -2.63
CA VAL C 137 11.46 -16.96 -2.50
C VAL C 137 11.79 -16.77 -1.01
N THR C 138 13.08 -16.65 -0.72
CA THR C 138 13.57 -16.46 0.62
C THR C 138 13.47 -14.97 0.95
N LYS C 139 12.86 -14.71 2.10
CA LYS C 139 12.62 -13.36 2.58
C LYS C 139 13.54 -13.06 3.74
N THR C 140 13.56 -11.80 4.15
CA THR C 140 14.34 -11.36 5.31
C THR C 140 13.63 -11.64 6.62
N ARG C 141 12.40 -12.14 6.58
CA ARG C 141 11.68 -12.57 7.77
C ARG C 141 11.01 -13.90 7.57
N ASN C 142 10.70 -14.58 8.67
CA ASN C 142 9.93 -15.82 8.57
C ASN C 142 8.48 -15.60 8.24
N GLY C 143 7.95 -14.42 8.61
CA GLY C 143 6.56 -14.08 8.35
C GLY C 143 6.42 -13.14 7.19
N ALA C 144 5.19 -12.69 6.97
CA ALA C 144 4.85 -11.66 5.96
C ALA C 144 5.50 -10.29 6.26
N GLY C 145 5.79 -9.52 5.20
CA GLY C 145 6.14 -8.10 5.31
C GLY C 145 7.61 -7.74 5.29
N GLY C 146 8.46 -8.73 5.10
CA GLY C 146 9.88 -8.53 4.92
C GLY C 146 10.23 -8.30 3.46
N GLY C 147 11.52 -8.23 3.20
CA GLY C 147 12.03 -7.95 1.88
C GLY C 147 12.53 -9.24 1.27
N ASN C 148 12.72 -9.22 -0.04
CA ASN C 148 13.41 -10.31 -0.72
C ASN C 148 14.86 -10.34 -0.27
N LYS C 149 15.33 -11.49 0.19
CA LYS C 149 16.70 -11.59 0.70
C LYS C 149 17.71 -11.58 -0.41
N VAL C 150 18.80 -10.84 -0.21
CA VAL C 150 19.97 -10.94 -1.09
C VAL C 150 21.10 -11.55 -0.29
N VAL C 151 21.65 -12.66 -0.74
CA VAL C 151 22.78 -13.30 -0.07
C VAL C 151 23.95 -13.11 -0.99
N ASP C 152 25.16 -13.06 -0.46
CA ASP C 152 26.31 -13.01 -1.36
C ASP C 152 26.79 -14.42 -1.53
N GLU C 153 27.84 -14.54 -2.34
CA GLU C 153 28.40 -15.81 -2.75
C GLU C 153 28.72 -16.76 -1.60
N SER C 154 29.09 -16.21 -0.45
CA SER C 154 29.50 -17.04 0.68
C SER C 154 28.43 -18.00 1.24
N TYR C 155 27.17 -17.76 0.88
CA TYR C 155 26.10 -18.71 1.18
C TYR C 155 26.41 -20.10 0.65
N ILE C 156 27.06 -20.20 -0.50
CA ILE C 156 27.33 -21.50 -1.12
C ILE C 156 28.28 -22.35 -0.23
N PRO C 157 29.48 -21.84 0.10
CA PRO C 157 30.33 -22.59 1.01
C PRO C 157 29.75 -22.80 2.41
N ASN C 158 29.06 -21.79 2.97
CA ASN C 158 28.57 -21.88 4.34
C ASN C 158 27.43 -22.84 4.50
N PHE C 159 26.50 -22.82 3.54
CA PHE C 159 25.26 -23.58 3.70
C PHE C 159 25.04 -24.69 2.65
N LEU C 160 25.52 -24.54 1.43
CA LEU C 160 25.24 -25.56 0.41
C LEU C 160 26.31 -26.61 0.28
N LEU C 161 27.56 -26.18 0.17
CA LEU C 161 28.65 -27.12 -0.07
C LEU C 161 28.82 -28.21 1.00
N PRO C 162 28.60 -27.92 2.29
CA PRO C 162 28.79 -28.96 3.31
C PRO C 162 27.87 -30.14 3.22
N LYS C 163 26.73 -30.02 2.54
CA LYS C 163 25.80 -31.12 2.48
C LYS C 163 26.45 -32.35 1.85
N THR C 164 26.13 -33.51 2.42
CA THR C 164 26.70 -34.78 2.00
C THR C 164 25.55 -35.73 1.68
N GLN C 165 25.86 -36.90 1.12
CA GLN C 165 24.82 -37.87 0.79
C GLN C 165 24.27 -38.56 2.05
N PRO C 166 22.97 -38.89 2.10
CA PRO C 166 22.00 -38.72 0.98
C PRO C 166 21.23 -37.39 0.91
N GLU C 167 21.50 -36.45 1.80
CA GLU C 167 20.84 -35.14 1.71
C GLU C 167 21.17 -34.50 0.34
N LEU C 168 22.45 -34.44 -0.02
CA LEU C 168 22.86 -33.98 -1.34
C LEU C 168 22.47 -35.01 -2.39
N GLN C 169 21.76 -34.53 -3.41
CA GLN C 169 21.33 -35.34 -4.56
C GLN C 169 22.05 -34.97 -5.84
N TRP C 170 22.10 -33.69 -6.12
CA TRP C 170 22.76 -33.21 -7.30
C TRP C 170 22.95 -31.68 -7.22
N ALA C 171 23.82 -31.15 -8.08
CA ALA C 171 23.98 -29.72 -8.22
C ALA C 171 24.42 -29.27 -9.63
N TRP C 172 24.15 -27.99 -9.92
CA TRP C 172 24.44 -27.37 -11.22
C TRP C 172 24.92 -25.95 -11.01
N THR C 173 25.90 -25.53 -11.78
CA THR C 173 26.36 -24.15 -11.71
C THR C 173 27.02 -23.71 -13.02
N ASN C 174 27.05 -22.42 -13.27
CA ASN C 174 27.91 -21.86 -14.30
C ASN C 174 29.02 -20.98 -13.69
N MET C 175 29.28 -21.15 -12.36
CA MET C 175 30.32 -20.39 -11.65
C MET C 175 31.59 -21.23 -11.69
N GLU C 176 32.68 -20.67 -12.26
CA GLU C 176 33.94 -21.43 -12.55
C GLU C 176 34.53 -22.09 -11.29
N GLN C 177 34.62 -21.32 -10.21
CA GLN C 177 35.08 -21.83 -8.91
C GLN C 177 34.29 -23.02 -8.32
N TYR C 178 33.03 -23.18 -8.70
CA TYR C 178 32.24 -24.28 -8.16
C TYR C 178 31.92 -25.39 -9.14
N LEU C 179 32.40 -25.33 -10.38
CA LEU C 179 32.08 -26.40 -11.33
C LEU C 179 32.47 -27.77 -10.78
N SER C 180 33.74 -27.89 -10.35
CA SER C 180 34.27 -29.11 -9.75
C SER C 180 33.52 -29.57 -8.50
N ALA C 181 33.03 -28.60 -7.72
CA ALA C 181 32.42 -28.90 -6.45
C ALA C 181 31.03 -29.52 -6.54
N CYS C 182 30.32 -29.26 -7.63
CA CYS C 182 28.93 -29.73 -7.73
C CYS C 182 28.75 -31.16 -7.29
N LEU C 183 29.55 -32.06 -7.88
CA LEU C 183 29.38 -33.51 -7.73
C LEU C 183 30.62 -34.15 -7.16
N ASN C 184 31.43 -33.36 -6.45
CA ASN C 184 32.62 -33.87 -5.80
C ASN C 184 32.71 -33.51 -4.30
N LEU C 185 32.54 -34.52 -3.45
CA LEU C 185 32.54 -34.39 -1.98
C LEU C 185 33.88 -33.89 -1.47
N THR C 186 34.98 -34.44 -1.99
CA THR C 186 36.34 -33.98 -1.65
C THR C 186 36.59 -32.52 -2.01
N GLU C 187 36.14 -32.11 -3.19
CA GLU C 187 36.27 -30.71 -3.61
C GLU C 187 35.35 -29.80 -2.78
N ARG C 188 34.17 -30.30 -2.41
CA ARG C 188 33.30 -29.57 -1.48
C ARG C 188 34.00 -29.37 -0.15
N LYS C 189 34.43 -30.47 0.44
CA LYS C 189 35.23 -30.46 1.69
C LYS C 189 36.42 -29.47 1.63
N ARG C 190 37.07 -29.35 0.47
CA ARG C 190 38.22 -28.45 0.30
C ARG C 190 37.82 -26.99 0.32
N LEU C 191 36.83 -26.62 -0.49
CA LEU C 191 36.36 -25.22 -0.53
C LEU C 191 35.73 -24.74 0.77
N VAL C 192 35.11 -25.67 1.52
CA VAL C 192 34.56 -25.35 2.84
C VAL C 192 35.70 -24.98 3.79
N ALA C 193 36.71 -25.83 3.87
CA ALA C 193 37.87 -25.59 4.72
C ALA C 193 38.68 -24.36 4.27
N GLN C 194 38.83 -24.17 2.96
CA GLN C 194 39.48 -22.99 2.38
C GLN C 194 38.70 -21.69 2.67
N HIS C 195 37.38 -21.78 2.75
CA HIS C 195 36.57 -20.63 3.13
C HIS C 195 36.73 -20.22 4.63
N LEU C 196 37.07 -21.16 5.51
CA LEU C 196 37.32 -20.81 6.95
C LEU C 196 38.71 -20.18 7.07
N THR C 197 39.66 -20.71 6.33
CA THR C 197 41.02 -20.12 6.14
C THR C 197 40.95 -18.60 5.83
N HIS C 198 39.86 -18.15 5.19
CA HIS C 198 39.60 -16.73 4.89
C HIS C 198 38.97 -15.93 6.04
N VAL C 199 38.74 -16.58 7.20
CA VAL C 199 38.08 -15.96 8.38
C VAL C 199 38.86 -16.23 9.69
MN MN F . 13.63 19.47 25.87
MN MN G . 18.38 -26.69 3.81
#